data_5J47
#
_entry.id   5J47
#
_cell.length_a   110.710
_cell.length_b   110.710
_cell.length_c   67.750
_cell.angle_alpha   90.000
_cell.angle_beta   90.000
_cell.angle_gamma   120.000
#
_symmetry.space_group_name_H-M   'P 6'
#
loop_
_entity.id
_entity.type
_entity.pdbx_description
1 polymer 'Large T antigen'
2 non-polymer 'ZINC ION'
3 non-polymer '2-(N-MORPHOLINO)-ETHANESULFONIC ACID'
4 non-polymer 6-(2-phenoxyphenyl)[1,2,4]triazolo[3,4-b][1,3,4]thiadiazole
5 water water
#
_entity_poly.entity_id   1
_entity_poly.type   'polypeptide(L)'
_entity_poly.pdbx_seq_one_letter_code
;GSHMEEPEETKQVSWKLVTQYALDTKCEDVFLLMGMYLNFQEAPAACAACAAADQPNHFNHHEKHYYNAQIFADSKNQKS
ICQQAVDTVAAKQRVDSLHMTREEMLVERFNFLLDKMDLIFGAHGNAVLEQYMAGVAWIHCLLPQMDTVIYEFLKCIVLN
IPKKRYWLFKGPIDSGKTTLAAALLDLCGGKSLNVNMPLERLNFELGVGIDQFMVVFEDVKGTGAESRDLPSGHGISNLD
CLRDYLDGSVKVNLERKHQNKRTQVFPPGIVTMNEYSVPRTLQARFVRQIDFRPKAYLRKSLSCSEYLLEKRILQSGMTL
LLLLIWFRPVADFAAAIHERIVQWKERLDLEISMYTFSTMKANVGMGAPILD
;
_entity_poly.pdbx_strand_id   A
#
loop_
_chem_comp.id
_chem_comp.type
_chem_comp.name
_chem_comp.formula
6JJ non-polymer 6-(2-phenoxyphenyl)[1,2,4]triazolo[3,4-b][1,3,4]thiadiazole 'C15 H10 N4 O S'
MES non-polymer '2-(N-MORPHOLINO)-ETHANESULFONIC ACID' 'C6 H13 N O4 S'
ZN non-polymer 'ZINC ION' 'Zn 2'
#
# COMPACT_ATOMS: atom_id res chain seq x y z
N THR A 10 -45.37 -5.60 -3.75
CA THR A 10 -44.24 -5.83 -2.86
C THR A 10 -43.17 -4.72 -2.98
N LYS A 11 -42.41 -4.48 -1.89
CA LYS A 11 -41.34 -3.48 -1.84
C LYS A 11 -40.19 -3.85 -2.77
N GLN A 12 -39.64 -2.84 -3.45
CA GLN A 12 -38.54 -3.01 -4.40
C GLN A 12 -37.23 -2.50 -3.79
N VAL A 13 -36.17 -3.30 -3.93
CA VAL A 13 -34.83 -2.96 -3.42
C VAL A 13 -34.13 -1.99 -4.39
N SER A 14 -33.49 -0.93 -3.84
CA SER A 14 -32.78 0.01 -4.69
C SER A 14 -31.39 -0.55 -4.99
N TRP A 15 -31.19 -1.04 -6.24
CA TRP A 15 -29.90 -1.57 -6.69
C TRP A 15 -28.88 -0.42 -6.70
N LYS A 16 -29.33 0.79 -7.09
CA LYS A 16 -28.52 2.02 -7.14
C LYS A 16 -27.92 2.34 -5.76
N LEU A 17 -28.71 2.23 -4.67
CA LEU A 17 -28.27 2.47 -3.29
C LEU A 17 -27.24 1.44 -2.81
N VAL A 18 -27.40 0.17 -3.19
CA VAL A 18 -26.44 -0.89 -2.83
C VAL A 18 -25.12 -0.58 -3.56
N THR A 19 -25.21 -0.17 -4.84
CA THR A 19 -24.08 0.25 -5.67
C THR A 19 -23.39 1.47 -5.03
N GLN A 20 -24.19 2.44 -4.54
CA GLN A 20 -23.66 3.65 -3.87
C GLN A 20 -22.83 3.27 -2.66
N TYR A 21 -23.28 2.26 -1.88
CA TYR A 21 -22.55 1.79 -0.70
C TYR A 21 -21.21 1.17 -1.12
N ALA A 22 -21.23 0.34 -2.18
CA ALA A 22 -20.05 -0.33 -2.73
C ALA A 22 -19.07 0.70 -3.27
N LEU A 23 -19.58 1.76 -3.93
CA LEU A 23 -18.76 2.85 -4.47
C LEU A 23 -18.10 3.63 -3.33
N ASP A 24 -18.88 3.98 -2.29
CA ASP A 24 -18.39 4.72 -1.12
C ASP A 24 -17.32 3.97 -0.33
N THR A 25 -17.37 2.62 -0.31
CA THR A 25 -16.41 1.80 0.42
C THR A 25 -15.37 1.13 -0.50
N LYS A 26 -15.44 1.40 -1.84
CA LYS A 26 -14.55 0.82 -2.87
C LYS A 26 -14.56 -0.73 -2.82
N CYS A 27 -15.74 -1.32 -2.51
CA CYS A 27 -15.92 -2.77 -2.37
C CYS A 27 -15.78 -3.54 -3.68
N GLU A 28 -14.79 -4.46 -3.72
CA GLU A 28 -14.48 -5.30 -4.90
C GLU A 28 -14.79 -6.78 -4.67
N ASP A 29 -15.42 -7.10 -3.53
CA ASP A 29 -15.75 -8.47 -3.10
C ASP A 29 -17.27 -8.58 -2.94
N VAL A 30 -17.90 -9.39 -3.82
CA VAL A 30 -19.36 -9.62 -3.89
C VAL A 30 -19.89 -10.19 -2.56
N PHE A 31 -19.15 -11.15 -1.97
CA PHE A 31 -19.53 -11.77 -0.70
C PHE A 31 -19.38 -10.81 0.47
N LEU A 32 -18.29 -10.02 0.49
CA LEU A 32 -18.11 -9.03 1.57
C LEU A 32 -19.24 -8.00 1.53
N LEU A 33 -19.59 -7.52 0.33
CA LEU A 33 -20.67 -6.56 0.12
C LEU A 33 -21.99 -7.11 0.66
N MET A 34 -22.33 -8.34 0.27
CA MET A 34 -23.55 -9.03 0.69
C MET A 34 -23.65 -9.11 2.22
N GLY A 35 -22.56 -9.55 2.86
CA GLY A 35 -22.50 -9.66 4.32
C GLY A 35 -22.60 -8.32 5.02
N MET A 36 -21.88 -7.29 4.52
CA MET A 36 -21.90 -5.94 5.09
C MET A 36 -23.29 -5.31 4.97
N TYR A 37 -23.94 -5.46 3.79
CA TYR A 37 -25.29 -4.92 3.54
C TYR A 37 -26.35 -5.58 4.38
N LEU A 38 -26.27 -6.91 4.56
CA LEU A 38 -27.21 -7.62 5.43
C LEU A 38 -27.11 -7.12 6.88
N ASN A 39 -25.92 -6.69 7.32
CA ASN A 39 -25.70 -6.17 8.67
C ASN A 39 -26.29 -4.75 8.92
N PHE A 40 -26.98 -4.19 7.92
CA PHE A 40 -27.67 -2.90 8.03
C PHE A 40 -29.19 -3.08 8.29
N GLN A 41 -29.71 -4.34 8.23
CA GLN A 41 -31.15 -4.63 8.37
C GLN A 41 -31.74 -4.37 9.79
N GLU A 42 -30.92 -4.43 10.86
CA GLU A 42 -31.38 -4.20 12.23
C GLU A 42 -31.48 -2.70 12.54
N ALA A 43 -32.33 -2.31 13.50
CA ALA A 43 -32.54 -0.93 13.90
C ALA A 43 -31.25 -0.22 14.32
N PRO A 44 -30.88 0.91 13.68
CA PRO A 44 -29.61 1.58 14.04
C PRO A 44 -29.58 2.19 15.45
N ALA A 45 -30.76 2.50 16.04
CA ALA A 45 -30.88 3.07 17.39
C ALA A 45 -30.42 2.07 18.47
N ALA A 46 -30.67 0.77 18.25
CA ALA A 46 -30.28 -0.30 19.15
C ALA A 46 -29.08 -1.12 18.60
N CYS A 47 -28.34 -0.55 17.62
CA CYS A 47 -27.19 -1.22 17.01
C CYS A 47 -25.92 -1.05 17.85
N ALA A 48 -25.40 -2.18 18.38
CA ALA A 48 -24.17 -2.23 19.19
C ALA A 48 -22.94 -1.84 18.37
N ALA A 49 -22.90 -2.22 17.07
CA ALA A 49 -21.80 -1.88 16.15
C ALA A 49 -21.73 -0.36 15.93
N CYS A 50 -22.91 0.30 15.86
CA CYS A 50 -22.99 1.75 15.72
C CYS A 50 -22.57 2.45 17.01
N ALA A 51 -22.94 1.88 18.18
CA ALA A 51 -22.56 2.40 19.50
C ALA A 51 -21.05 2.28 19.74
N ALA A 52 -20.43 1.16 19.29
CA ALA A 52 -18.99 0.89 19.40
C ALA A 52 -18.15 1.85 18.54
N ALA A 53 -18.69 2.23 17.36
CA ALA A 53 -18.12 3.16 16.37
C ALA A 53 -16.65 2.88 15.99
N ASP A 54 -16.32 1.59 15.78
CA ASP A 54 -14.97 1.12 15.45
C ASP A 54 -14.81 0.65 14.00
N GLN A 55 -15.91 0.58 13.23
CA GLN A 55 -15.92 0.15 11.83
C GLN A 55 -16.65 1.19 10.97
N PRO A 56 -15.92 2.19 10.41
CA PRO A 56 -16.57 3.24 9.59
C PRO A 56 -17.42 2.74 8.42
N ASN A 57 -17.00 1.65 7.76
CA ASN A 57 -17.76 1.05 6.64
C ASN A 57 -19.16 0.55 7.09
N HIS A 58 -19.38 0.47 8.43
CA HIS A 58 -20.66 0.12 9.02
C HIS A 58 -21.38 1.36 9.61
N PHE A 59 -20.80 1.99 10.66
CA PHE A 59 -21.44 3.08 11.40
C PHE A 59 -21.70 4.36 10.58
N ASN A 60 -20.94 4.61 9.50
CA ASN A 60 -21.18 5.81 8.69
C ASN A 60 -22.22 5.58 7.59
N HIS A 61 -22.71 4.35 7.47
CA HIS A 61 -23.64 3.97 6.41
C HIS A 61 -24.94 3.33 6.88
N HIS A 62 -24.98 2.81 8.14
CA HIS A 62 -26.14 2.10 8.68
C HIS A 62 -27.46 2.85 8.53
N GLU A 63 -27.54 4.08 9.05
CA GLU A 63 -28.74 4.90 8.99
C GLU A 63 -29.23 5.15 7.55
N LYS A 64 -28.29 5.46 6.63
CA LYS A 64 -28.59 5.72 5.22
C LYS A 64 -29.14 4.49 4.49
N HIS A 65 -28.64 3.28 4.83
CA HIS A 65 -29.02 2.04 4.15
C HIS A 65 -29.97 1.12 4.89
N TYR A 66 -30.45 1.52 6.09
CA TYR A 66 -31.34 0.73 6.95
C TYR A 66 -32.61 0.22 6.26
N TYR A 67 -33.43 1.11 5.67
CA TYR A 67 -34.68 0.71 5.02
C TYR A 67 -34.46 -0.17 3.79
N ASN A 68 -33.41 0.12 3.01
CA ASN A 68 -33.04 -0.65 1.82
C ASN A 68 -32.51 -2.05 2.18
N ALA A 69 -31.79 -2.15 3.31
CA ALA A 69 -31.23 -3.41 3.80
C ALA A 69 -32.31 -4.36 4.29
N GLN A 70 -33.41 -3.81 4.84
CA GLN A 70 -34.57 -4.59 5.28
C GLN A 70 -35.21 -5.24 4.05
N ILE A 71 -35.35 -4.47 2.95
CA ILE A 71 -35.91 -4.96 1.68
C ILE A 71 -34.92 -5.97 1.07
N PHE A 72 -33.60 -5.65 1.09
CA PHE A 72 -32.52 -6.53 0.60
C PHE A 72 -32.57 -7.90 1.28
N ALA A 73 -32.81 -7.92 2.61
CA ALA A 73 -32.94 -9.13 3.43
C ALA A 73 -34.04 -10.09 2.93
N ASP A 74 -35.13 -9.53 2.35
CA ASP A 74 -36.26 -10.28 1.79
C ASP A 74 -36.08 -10.63 0.30
N SER A 75 -34.97 -10.18 -0.33
CA SER A 75 -34.69 -10.41 -1.76
C SER A 75 -34.36 -11.86 -2.08
N LYS A 76 -34.77 -12.29 -3.28
CA LYS A 76 -34.51 -13.63 -3.83
C LYS A 76 -33.41 -13.53 -4.90
N ASN A 77 -32.76 -12.34 -5.00
CA ASN A 77 -31.73 -12.07 -6.01
C ASN A 77 -30.57 -11.28 -5.42
N GLN A 78 -30.16 -11.60 -4.17
CA GLN A 78 -29.12 -10.89 -3.43
C GLN A 78 -27.75 -10.87 -4.12
N LYS A 79 -27.26 -12.03 -4.61
CA LYS A 79 -25.96 -12.12 -5.30
C LYS A 79 -25.90 -11.24 -6.56
N SER A 80 -26.99 -11.22 -7.37
CA SER A 80 -27.07 -10.42 -8.60
C SER A 80 -27.03 -8.92 -8.32
N ILE A 81 -27.72 -8.46 -7.27
CA ILE A 81 -27.73 -7.04 -6.85
C ILE A 81 -26.29 -6.63 -6.53
N CYS A 82 -25.58 -7.47 -5.75
CA CYS A 82 -24.19 -7.26 -5.33
C CYS A 82 -23.20 -7.37 -6.48
N GLN A 83 -23.47 -8.23 -7.49
CA GLN A 83 -22.60 -8.38 -8.66
C GLN A 83 -22.62 -7.10 -9.49
N GLN A 84 -23.81 -6.48 -9.68
CA GLN A 84 -23.90 -5.21 -10.42
C GLN A 84 -23.18 -4.10 -9.66
N ALA A 85 -23.30 -4.09 -8.31
CA ALA A 85 -22.67 -3.09 -7.45
C ALA A 85 -21.16 -3.18 -7.57
N VAL A 86 -20.59 -4.39 -7.45
CA VAL A 86 -19.16 -4.65 -7.58
C VAL A 86 -18.67 -4.32 -9.00
N ASP A 87 -19.47 -4.64 -10.05
CA ASP A 87 -19.14 -4.32 -11.44
C ASP A 87 -19.02 -2.80 -11.66
N THR A 88 -19.92 -2.02 -11.02
CA THR A 88 -19.91 -0.55 -11.08
C THR A 88 -18.62 0.01 -10.46
N VAL A 89 -18.10 -0.66 -9.40
CA VAL A 89 -16.86 -0.27 -8.73
C VAL A 89 -15.70 -0.51 -9.71
N ALA A 90 -15.70 -1.67 -10.41
CA ALA A 90 -14.69 -2.00 -11.43
C ALA A 90 -14.77 -1.02 -12.61
N ALA A 91 -16.01 -0.63 -13.01
CA ALA A 91 -16.28 0.32 -14.10
C ALA A 91 -15.71 1.70 -13.78
N LYS A 92 -15.92 2.18 -12.53
CA LYS A 92 -15.40 3.45 -12.03
C LYS A 92 -13.87 3.41 -12.06
N GLN A 93 -13.27 2.27 -11.62
CA GLN A 93 -11.81 2.08 -11.64
C GLN A 93 -11.23 2.17 -13.07
N ARG A 94 -11.96 1.66 -14.10
CA ARG A 94 -11.57 1.71 -15.51
C ARG A 94 -11.55 3.16 -16.01
N VAL A 95 -12.59 3.93 -15.65
CA VAL A 95 -12.76 5.34 -15.98
C VAL A 95 -11.64 6.17 -15.33
N ASP A 96 -11.33 5.91 -14.04
CA ASP A 96 -10.29 6.63 -13.30
C ASP A 96 -8.89 6.33 -13.83
N SER A 97 -8.62 5.06 -14.18
CA SER A 97 -7.32 4.65 -14.74
C SER A 97 -7.00 5.42 -16.02
N LEU A 98 -8.03 5.84 -16.78
CA LEU A 98 -7.86 6.60 -18.02
C LEU A 98 -7.98 8.13 -17.88
N HIS A 99 -8.77 8.63 -16.91
CA HIS A 99 -9.01 10.08 -16.75
C HIS A 99 -8.29 10.74 -15.59
N MET A 100 -8.07 10.01 -14.49
CA MET A 100 -7.41 10.59 -13.33
C MET A 100 -5.93 10.82 -13.59
N THR A 101 -5.40 11.97 -13.12
CA THR A 101 -3.96 12.24 -13.20
C THR A 101 -3.33 11.36 -12.13
N ARG A 102 -2.05 11.00 -12.28
CA ARG A 102 -1.38 10.13 -11.31
C ARG A 102 -1.23 10.79 -9.95
N GLU A 103 -1.24 12.14 -9.89
CA GLU A 103 -1.18 12.87 -8.63
C GLU A 103 -2.52 12.66 -7.90
N GLU A 104 -3.65 12.74 -8.64
CA GLU A 104 -4.99 12.51 -8.09
C GLU A 104 -5.12 11.09 -7.54
N MET A 105 -4.46 10.11 -8.20
CA MET A 105 -4.44 8.72 -7.79
C MET A 105 -3.71 8.57 -6.45
N LEU A 106 -2.57 9.29 -6.27
CA LEU A 106 -1.83 9.25 -5.01
C LEU A 106 -2.60 9.95 -3.86
N VAL A 107 -3.35 11.02 -4.17
CA VAL A 107 -4.19 11.76 -3.20
C VAL A 107 -5.26 10.83 -2.66
N GLU A 108 -5.91 10.06 -3.56
CA GLU A 108 -6.94 9.10 -3.21
C GLU A 108 -6.40 8.04 -2.25
N ARG A 109 -5.17 7.55 -2.50
CA ARG A 109 -4.53 6.56 -1.62
C ARG A 109 -4.15 7.19 -0.25
N PHE A 110 -3.63 8.42 -0.27
CA PHE A 110 -3.25 9.12 0.97
C PHE A 110 -4.48 9.36 1.81
N ASN A 111 -5.61 9.74 1.17
CA ASN A 111 -6.89 9.94 1.85
C ASN A 111 -7.40 8.64 2.50
N PHE A 112 -7.17 7.49 1.83
CA PHE A 112 -7.55 6.16 2.35
C PHE A 112 -6.71 5.85 3.61
N LEU A 113 -5.38 6.11 3.52
CA LEU A 113 -4.47 5.91 4.66
C LEU A 113 -4.81 6.83 5.83
N LEU A 114 -5.16 8.10 5.52
CA LEU A 114 -5.51 9.09 6.56
C LEU A 114 -6.82 8.74 7.25
N ASP A 115 -7.79 8.13 6.52
CA ASP A 115 -9.07 7.69 7.09
C ASP A 115 -8.81 6.58 8.13
N LYS A 116 -7.90 5.65 7.80
CA LYS A 116 -7.48 4.52 8.64
C LYS A 116 -6.74 5.04 9.87
N MET A 117 -5.87 6.05 9.69
CA MET A 117 -5.10 6.71 10.76
C MET A 117 -6.04 7.45 11.72
N ASP A 118 -7.06 8.17 11.17
CA ASP A 118 -8.05 8.91 11.97
C ASP A 118 -8.79 7.94 12.92
N LEU A 119 -9.01 6.70 12.45
CA LEU A 119 -9.70 5.67 13.20
C LEU A 119 -8.83 4.98 14.27
N ILE A 120 -7.69 4.37 13.87
CA ILE A 120 -6.83 3.59 14.78
C ILE A 120 -6.17 4.45 15.89
N PHE A 121 -5.93 5.76 15.62
CA PHE A 121 -5.35 6.71 16.59
C PHE A 121 -6.42 7.60 17.24
N GLY A 122 -7.69 7.27 16.99
CA GLY A 122 -8.83 8.00 17.51
C GLY A 122 -9.37 7.44 18.81
N ALA A 123 -10.51 7.99 19.26
CA ALA A 123 -11.22 7.63 20.49
C ALA A 123 -11.66 6.16 20.52
N HIS A 124 -12.00 5.59 19.35
CA HIS A 124 -12.46 4.20 19.25
C HIS A 124 -11.40 3.25 18.65
N GLY A 125 -10.16 3.72 18.58
CA GLY A 125 -9.03 2.94 18.07
C GLY A 125 -8.14 2.41 19.18
N ASN A 126 -7.24 1.46 18.83
CA ASN A 126 -6.36 0.85 19.82
C ASN A 126 -4.86 1.05 19.54
N ALA A 127 -4.49 1.65 18.39
CA ALA A 127 -3.09 1.88 18.05
C ALA A 127 -2.48 2.98 18.92
N VAL A 128 -1.16 2.86 19.18
CA VAL A 128 -0.36 3.79 20.00
C VAL A 128 0.50 4.63 19.06
N LEU A 129 0.21 5.94 18.96
CA LEU A 129 0.89 6.84 18.02
C LEU A 129 2.41 6.90 18.25
N GLU A 130 2.86 6.86 19.52
CA GLU A 130 4.29 6.87 19.89
C GLU A 130 5.03 5.65 19.34
N GLN A 131 4.36 4.49 19.28
CA GLN A 131 4.93 3.25 18.72
C GLN A 131 5.17 3.37 17.20
N TYR A 132 4.25 4.00 16.48
CA TYR A 132 4.40 4.24 15.04
C TYR A 132 5.53 5.27 14.81
N MET A 133 5.65 6.27 15.69
CA MET A 133 6.73 7.26 15.61
C MET A 133 8.10 6.62 15.88
N ALA A 134 8.11 5.55 16.72
CA ALA A 134 9.34 4.78 17.00
C ALA A 134 9.76 4.05 15.71
N GLY A 135 8.78 3.61 14.92
CA GLY A 135 8.97 2.95 13.63
C GLY A 135 9.51 3.93 12.61
N VAL A 136 8.99 5.17 12.65
CA VAL A 136 9.46 6.30 11.82
C VAL A 136 10.97 6.51 12.08
N ALA A 137 11.39 6.50 13.36
CA ALA A 137 12.80 6.68 13.75
C ALA A 137 13.68 5.55 13.22
N TRP A 138 13.22 4.29 13.32
CA TRP A 138 13.93 3.12 12.82
C TRP A 138 14.09 3.20 11.30
N ILE A 139 12.98 3.50 10.58
CA ILE A 139 12.97 3.66 9.12
C ILE A 139 13.91 4.79 8.71
N HIS A 140 13.92 5.94 9.46
CA HIS A 140 14.80 7.06 9.13
C HIS A 140 16.29 6.72 9.36
N CYS A 141 16.57 5.66 10.14
CA CYS A 141 17.94 5.17 10.38
C CYS A 141 18.39 4.14 9.32
N LEU A 142 17.45 3.57 8.53
CA LEU A 142 17.73 2.53 7.54
C LEU A 142 18.60 3.02 6.38
N LEU A 143 18.35 4.24 5.88
CA LEU A 143 19.13 4.84 4.79
C LEU A 143 19.40 6.32 5.10
N PRO A 144 20.50 6.92 4.58
CA PRO A 144 20.71 8.38 4.77
C PRO A 144 19.66 9.17 3.99
N GLN A 145 19.27 10.40 4.46
CA GLN A 145 18.25 11.26 3.82
C GLN A 145 17.00 10.44 3.44
N MET A 146 16.49 9.60 4.38
CA MET A 146 15.36 8.69 4.15
C MET A 146 14.06 9.40 3.71
N ASP A 147 13.76 10.57 4.27
CA ASP A 147 12.56 11.34 3.86
C ASP A 147 12.65 11.75 2.40
N THR A 148 13.89 12.05 1.92
CA THR A 148 14.15 12.37 0.51
C THR A 148 14.04 11.12 -0.35
N VAL A 149 14.52 9.95 0.17
CA VAL A 149 14.43 8.68 -0.57
C VAL A 149 12.95 8.38 -0.88
N ILE A 150 12.08 8.40 0.17
CA ILE A 150 10.64 8.15 0.02
C ILE A 150 9.99 9.17 -0.93
N TYR A 151 10.25 10.48 -0.69
CA TYR A 151 9.70 11.56 -1.52
C TYR A 151 10.09 11.42 -2.99
N GLU A 152 11.38 11.08 -3.26
CA GLU A 152 11.84 10.88 -4.64
C GLU A 152 11.25 9.61 -5.25
N PHE A 153 10.89 8.60 -4.42
CA PHE A 153 10.25 7.41 -4.94
C PHE A 153 8.84 7.77 -5.41
N LEU A 154 8.10 8.55 -4.59
CA LEU A 154 6.75 9.03 -4.92
C LEU A 154 6.75 9.85 -6.21
N LYS A 155 7.77 10.71 -6.40
CA LYS A 155 7.94 11.51 -7.63
C LYS A 155 8.16 10.58 -8.83
N CYS A 156 9.00 9.54 -8.68
CA CYS A 156 9.27 8.53 -9.71
C CYS A 156 7.96 7.84 -10.12
N ILE A 157 7.10 7.44 -9.16
CA ILE A 157 5.83 6.74 -9.42
C ILE A 157 4.77 7.65 -10.04
N VAL A 158 4.66 8.90 -9.56
CA VAL A 158 3.70 9.87 -10.08
C VAL A 158 4.08 10.31 -11.48
N LEU A 159 5.37 10.70 -11.71
CA LEU A 159 5.85 11.17 -13.01
C LEU A 159 5.82 10.09 -14.07
N ASN A 160 6.09 8.81 -13.68
CA ASN A 160 6.01 7.63 -14.55
C ASN A 160 6.76 7.80 -15.90
N ILE A 161 7.98 8.35 -15.84
CA ILE A 161 8.82 8.63 -17.00
C ILE A 161 9.40 7.35 -17.63
N PRO A 162 9.24 7.11 -18.96
CA PRO A 162 9.81 5.90 -19.59
C PRO A 162 11.30 5.69 -19.29
N LYS A 163 11.71 4.43 -19.00
CA LYS A 163 13.09 4.03 -18.66
C LYS A 163 13.56 4.53 -17.28
N LYS A 164 12.76 5.39 -16.61
CA LYS A 164 13.08 5.96 -15.31
C LYS A 164 11.92 5.68 -14.31
N ARG A 165 11.38 4.46 -14.35
CA ARG A 165 10.22 4.07 -13.54
C ARG A 165 10.48 2.96 -12.53
N TYR A 166 11.63 2.25 -12.64
CA TYR A 166 11.92 1.12 -11.76
C TYR A 166 13.18 1.28 -10.94
N TRP A 167 13.07 0.96 -9.64
CA TRP A 167 14.14 0.97 -8.65
C TRP A 167 14.48 -0.47 -8.28
N LEU A 168 15.76 -0.77 -8.11
CA LEU A 168 16.22 -2.10 -7.70
C LEU A 168 16.65 -2.08 -6.23
N PHE A 169 16.07 -2.98 -5.40
CA PHE A 169 16.42 -3.14 -3.97
C PHE A 169 17.17 -4.46 -3.87
N LYS A 170 18.47 -4.39 -3.53
CA LYS A 170 19.33 -5.58 -3.47
C LYS A 170 20.01 -5.71 -2.12
N GLY A 171 19.97 -6.92 -1.56
CA GLY A 171 20.60 -7.21 -0.27
C GLY A 171 20.28 -8.59 0.27
N PRO A 172 20.96 -9.06 1.34
CA PRO A 172 20.62 -10.37 1.90
C PRO A 172 19.33 -10.33 2.71
N ILE A 173 18.93 -11.45 3.33
CA ILE A 173 17.73 -11.52 4.18
C ILE A 173 17.86 -10.57 5.38
N ASP A 174 16.71 -10.03 5.87
CA ASP A 174 16.61 -9.16 7.04
C ASP A 174 17.61 -7.99 6.98
N SER A 175 17.64 -7.29 5.84
CA SER A 175 18.53 -6.14 5.62
C SER A 175 17.73 -4.83 5.51
N GLY A 176 16.41 -4.92 5.70
CA GLY A 176 15.50 -3.79 5.56
C GLY A 176 14.94 -3.63 4.15
N LYS A 177 15.47 -4.41 3.20
CA LYS A 177 15.08 -4.42 1.78
C LYS A 177 13.60 -4.84 1.58
N THR A 178 13.19 -5.97 2.18
CA THR A 178 11.82 -6.50 2.07
C THR A 178 10.82 -5.54 2.74
N THR A 179 11.15 -5.08 3.95
CA THR A 179 10.37 -4.15 4.76
C THR A 179 10.08 -2.82 4.04
N LEU A 180 11.13 -2.14 3.53
CA LEU A 180 10.97 -0.86 2.86
C LEU A 180 10.10 -1.00 1.60
N ALA A 181 10.34 -2.06 0.81
CA ALA A 181 9.56 -2.33 -0.41
C ALA A 181 8.10 -2.62 -0.07
N ALA A 182 7.83 -3.38 1.02
CA ALA A 182 6.46 -3.67 1.47
C ALA A 182 5.77 -2.36 1.93
N ALA A 183 6.48 -1.51 2.69
CA ALA A 183 5.95 -0.23 3.19
C ALA A 183 5.68 0.76 2.05
N LEU A 184 6.56 0.81 1.03
CA LEU A 184 6.37 1.68 -0.13
C LEU A 184 5.18 1.21 -0.97
N LEU A 185 4.99 -0.14 -1.08
CA LEU A 185 3.87 -0.73 -1.79
CA LEU A 185 3.86 -0.75 -1.80
C LEU A 185 2.56 -0.31 -1.13
N ASP A 186 2.50 -0.41 0.22
CA ASP A 186 1.32 -0.04 1.00
C ASP A 186 1.04 1.48 0.92
N LEU A 187 2.11 2.30 0.92
CA LEU A 187 2.02 3.76 0.80
C LEU A 187 1.38 4.18 -0.53
N CYS A 188 1.77 3.52 -1.63
CA CYS A 188 1.25 3.81 -2.98
C CYS A 188 -0.03 3.04 -3.33
N GLY A 189 -0.25 1.91 -2.67
CA GLY A 189 -1.41 1.05 -2.87
C GLY A 189 -1.32 0.13 -4.07
N GLY A 190 -0.16 -0.48 -4.29
CA GLY A 190 0.03 -1.38 -5.41
C GLY A 190 -0.16 -2.86 -5.14
N LYS A 191 0.35 -3.72 -6.05
CA LYS A 191 0.28 -5.17 -5.95
C LYS A 191 1.67 -5.78 -6.03
N SER A 192 1.87 -6.90 -5.32
CA SER A 192 3.11 -7.67 -5.37
C SER A 192 2.96 -8.75 -6.45
N LEU A 193 4.06 -9.05 -7.18
CA LEU A 193 4.10 -10.04 -8.26
C LEU A 193 5.21 -11.06 -8.03
N ASN A 194 4.96 -12.34 -8.41
CA ASN A 194 5.94 -13.42 -8.32
C ASN A 194 6.28 -13.87 -9.74
N VAL A 195 7.53 -13.65 -10.16
CA VAL A 195 7.99 -14.03 -11.50
C VAL A 195 9.01 -15.18 -11.47
N ASN A 196 9.01 -15.99 -10.39
CA ASN A 196 9.93 -17.14 -10.23
C ASN A 196 9.40 -18.44 -10.89
N MET A 197 8.23 -18.33 -11.54
CA MET A 197 7.50 -19.38 -12.26
C MET A 197 7.97 -19.48 -13.72
N PRO A 198 7.73 -20.60 -14.46
CA PRO A 198 8.13 -20.63 -15.89
C PRO A 198 7.28 -19.69 -16.74
N LEU A 199 7.82 -19.24 -17.89
CA LEU A 199 7.18 -18.33 -18.86
C LEU A 199 5.73 -18.67 -19.26
N GLU A 200 5.36 -19.97 -19.18
CA GLU A 200 4.02 -20.49 -19.51
C GLU A 200 2.92 -19.89 -18.62
N ARG A 201 3.23 -19.66 -17.33
CA ARG A 201 2.30 -19.12 -16.34
C ARG A 201 2.48 -17.61 -16.10
N LEU A 202 3.57 -17.03 -16.65
CA LEU A 202 3.95 -15.63 -16.51
C LEU A 202 2.86 -14.61 -16.87
N ASN A 203 2.25 -14.71 -18.07
CA ASN A 203 1.24 -13.75 -18.54
C ASN A 203 0.04 -13.56 -17.60
N PHE A 204 -0.41 -14.64 -16.94
CA PHE A 204 -1.53 -14.58 -15.98
C PHE A 204 -1.14 -13.78 -14.73
N GLU A 205 0.14 -13.93 -14.30
CA GLU A 205 0.71 -13.23 -13.14
C GLU A 205 0.93 -11.73 -13.48
N LEU A 206 1.38 -11.42 -14.69
CA LEU A 206 1.60 -10.04 -15.15
C LEU A 206 0.27 -9.27 -15.25
N GLY A 207 -0.81 -10.01 -15.54
CA GLY A 207 -2.18 -9.50 -15.60
C GLY A 207 -2.68 -8.94 -14.28
N VAL A 208 -2.02 -9.29 -13.15
CA VAL A 208 -2.36 -8.78 -11.81
C VAL A 208 -2.13 -7.23 -11.73
N GLY A 209 -1.29 -6.71 -12.62
CA GLY A 209 -0.96 -5.29 -12.71
C GLY A 209 -1.96 -4.39 -13.43
N ILE A 210 -3.11 -4.95 -13.87
CA ILE A 210 -4.17 -4.20 -14.57
C ILE A 210 -4.81 -3.16 -13.62
N ASP A 211 -4.87 -1.88 -14.07
CA ASP A 211 -5.42 -0.72 -13.35
C ASP A 211 -4.69 -0.40 -12.04
N GLN A 212 -3.50 -0.99 -11.83
CA GLN A 212 -2.70 -0.79 -10.61
C GLN A 212 -1.78 0.45 -10.70
N PHE A 213 -1.63 1.17 -9.58
CA PHE A 213 -0.79 2.37 -9.52
C PHE A 213 0.69 2.05 -9.57
N MET A 214 1.11 0.97 -8.88
CA MET A 214 2.50 0.53 -8.84
C MET A 214 2.54 -0.95 -8.56
N VAL A 215 3.70 -1.60 -8.79
CA VAL A 215 3.90 -3.02 -8.50
C VAL A 215 5.29 -3.30 -7.88
N VAL A 216 5.39 -4.42 -7.14
CA VAL A 216 6.67 -4.89 -6.60
C VAL A 216 6.90 -6.30 -7.15
N PHE A 217 8.00 -6.53 -7.87
CA PHE A 217 8.41 -7.87 -8.32
C PHE A 217 9.23 -8.35 -7.12
N GLU A 218 8.56 -9.03 -6.18
CA GLU A 218 9.16 -9.45 -4.91
C GLU A 218 10.01 -10.71 -4.98
N ASP A 219 11.19 -10.65 -4.31
CA ASP A 219 12.14 -11.75 -4.11
C ASP A 219 12.46 -12.51 -5.40
N VAL A 220 12.96 -11.77 -6.40
CA VAL A 220 13.35 -12.27 -7.71
C VAL A 220 14.62 -13.15 -7.55
N LYS A 221 14.56 -14.39 -8.06
CA LYS A 221 15.66 -15.34 -7.97
C LYS A 221 16.39 -15.52 -9.29
N GLY A 222 17.68 -15.78 -9.21
CA GLY A 222 18.55 -16.05 -10.34
C GLY A 222 19.05 -17.47 -10.32
N THR A 223 20.05 -17.77 -11.16
CA THR A 223 20.64 -19.11 -11.26
C THR A 223 22.14 -19.11 -10.95
N GLY A 224 22.66 -20.30 -10.63
CA GLY A 224 24.06 -20.53 -10.33
C GLY A 224 24.64 -19.84 -9.10
N ALA A 225 23.77 -19.49 -8.14
CA ALA A 225 24.18 -18.85 -6.89
C ALA A 225 24.01 -19.82 -5.69
N GLU A 226 23.85 -21.13 -6.00
CA GLU A 226 23.68 -22.23 -5.04
C GLU A 226 24.91 -22.41 -4.13
N SER A 227 26.11 -22.11 -4.67
CA SER A 227 27.39 -22.17 -3.98
C SER A 227 27.53 -21.04 -2.91
N ARG A 228 26.57 -20.09 -2.92
CA ARG A 228 26.48 -18.97 -1.99
C ARG A 228 25.17 -19.06 -1.18
N ASP A 229 24.58 -20.27 -1.14
CA ASP A 229 23.34 -20.65 -0.44
C ASP A 229 22.11 -19.83 -0.88
N LEU A 230 22.08 -19.39 -2.15
CA LEU A 230 20.94 -18.66 -2.72
C LEU A 230 20.10 -19.63 -3.59
N PRO A 231 18.76 -19.66 -3.42
CA PRO A 231 17.95 -20.61 -4.20
C PRO A 231 17.84 -20.26 -5.68
N SER A 232 17.69 -21.29 -6.53
CA SER A 232 17.54 -21.11 -7.98
C SER A 232 16.09 -20.82 -8.35
N GLY A 233 15.93 -19.96 -9.34
CA GLY A 233 14.63 -19.55 -9.87
C GLY A 233 14.71 -18.91 -11.24
N HIS A 234 13.55 -18.73 -11.88
CA HIS A 234 13.40 -18.17 -13.23
C HIS A 234 13.18 -16.66 -13.28
N GLY A 235 13.07 -16.03 -12.10
CA GLY A 235 12.83 -14.60 -11.93
C GLY A 235 13.66 -13.63 -12.74
N ILE A 236 14.99 -13.69 -12.59
CA ILE A 236 15.93 -12.79 -13.28
C ILE A 236 15.86 -13.01 -14.80
N SER A 237 15.76 -14.27 -15.25
CA SER A 237 15.65 -14.61 -16.68
C SER A 237 14.36 -14.07 -17.28
N ASN A 238 13.23 -14.21 -16.54
CA ASN A 238 11.91 -13.73 -16.93
C ASN A 238 11.86 -12.20 -17.07
N LEU A 239 12.39 -11.48 -16.06
CA LEU A 239 12.45 -10.01 -16.04
C LEU A 239 13.27 -9.43 -17.17
N ASP A 240 14.32 -10.16 -17.60
CA ASP A 240 15.22 -9.76 -18.68
C ASP A 240 14.52 -9.79 -20.05
N CYS A 241 13.40 -10.54 -20.15
CA CYS A 241 12.57 -10.67 -21.36
C CYS A 241 11.31 -9.79 -21.27
N LEU A 242 11.27 -8.86 -20.30
CA LEU A 242 10.12 -7.98 -20.09
C LEU A 242 10.48 -6.49 -20.17
N ARG A 243 11.40 -6.14 -21.09
CA ARG A 243 11.84 -4.75 -21.31
C ARG A 243 10.69 -3.75 -21.51
N ASP A 244 9.70 -4.08 -22.36
CA ASP A 244 8.58 -3.20 -22.66
C ASP A 244 7.66 -2.95 -21.47
N TYR A 245 7.59 -3.95 -20.57
CA TYR A 245 6.82 -3.85 -19.34
C TYR A 245 7.52 -2.89 -18.37
N LEU A 246 8.86 -3.02 -18.22
CA LEU A 246 9.66 -2.20 -17.30
C LEU A 246 9.87 -0.78 -17.79
N ASP A 247 10.21 -0.62 -19.08
CA ASP A 247 10.47 0.70 -19.69
C ASP A 247 9.26 1.63 -19.70
N GLY A 248 8.09 1.11 -20.06
CA GLY A 248 6.85 1.89 -20.10
C GLY A 248 6.79 2.89 -21.25
N SER A 249 7.54 2.64 -22.34
CA SER A 249 7.58 3.47 -23.54
C SER A 249 6.31 3.26 -24.38
N VAL A 250 5.78 2.03 -24.38
CA VAL A 250 4.59 1.62 -25.13
C VAL A 250 3.60 0.85 -24.24
N LYS A 251 2.36 0.69 -24.70
CA LYS A 251 1.34 -0.08 -23.99
C LYS A 251 1.61 -1.57 -24.25
N VAL A 252 1.37 -2.41 -23.24
CA VAL A 252 1.51 -3.87 -23.33
C VAL A 252 0.13 -4.49 -23.22
N ASN A 253 -0.04 -5.68 -23.78
CA ASN A 253 -1.30 -6.39 -23.76
C ASN A 253 -1.30 -7.33 -22.56
N LEU A 254 -2.07 -6.97 -21.51
CA LEU A 254 -2.16 -7.74 -20.28
C LEU A 254 -3.44 -8.57 -20.23
N GLU A 255 -3.33 -9.79 -19.69
CA GLU A 255 -4.46 -10.73 -19.61
C GLU A 255 -4.58 -11.42 -18.25
N ARG A 256 -5.82 -11.62 -17.77
CA ARG A 256 -6.13 -12.28 -16.50
C ARG A 256 -7.48 -13.01 -16.57
N ASN A 260 -7.55 -11.65 -23.75
CA ASN A 260 -7.02 -10.38 -23.24
C ASN A 260 -8.03 -9.61 -22.39
N LYS A 261 -7.52 -8.77 -21.46
CA LYS A 261 -8.33 -7.96 -20.54
C LYS A 261 -8.12 -6.45 -20.73
N ARG A 262 -6.84 -5.98 -20.81
CA ARG A 262 -6.54 -4.55 -20.98
C ARG A 262 -5.19 -4.27 -21.66
N THR A 263 -5.16 -3.23 -22.49
CA THR A 263 -3.97 -2.72 -23.17
C THR A 263 -3.59 -1.42 -22.46
N GLN A 264 -2.44 -1.42 -21.76
CA GLN A 264 -1.99 -0.28 -20.98
C GLN A 264 -0.48 -0.27 -20.80
N VAL A 265 0.07 0.88 -20.36
CA VAL A 265 1.48 1.02 -20.01
C VAL A 265 1.55 0.25 -18.68
N PHE A 266 2.48 -0.71 -18.58
CA PHE A 266 2.62 -1.55 -17.39
C PHE A 266 2.99 -0.66 -16.21
N PRO A 267 2.43 -0.86 -14.99
CA PRO A 267 2.74 0.06 -13.88
C PRO A 267 4.23 0.18 -13.53
N PRO A 268 4.66 1.33 -12.94
CA PRO A 268 6.05 1.43 -12.45
C PRO A 268 6.17 0.72 -11.09
N GLY A 269 7.36 0.74 -10.50
CA GLY A 269 7.53 0.13 -9.19
C GLY A 269 8.93 -0.27 -8.80
N ILE A 270 9.04 -1.41 -8.09
CA ILE A 270 10.29 -1.93 -7.52
C ILE A 270 10.50 -3.41 -7.87
N VAL A 271 11.78 -3.81 -7.95
CA VAL A 271 12.22 -5.19 -8.06
C VAL A 271 13.11 -5.43 -6.80
N THR A 272 12.78 -6.46 -5.99
CA THR A 272 13.60 -6.81 -4.83
C THR A 272 14.27 -8.14 -5.11
N MET A 273 15.53 -8.28 -4.70
CA MET A 273 16.28 -9.52 -4.90
C MET A 273 17.46 -9.66 -3.93
N ASN A 274 17.97 -10.89 -3.77
CA ASN A 274 19.16 -11.17 -2.98
C ASN A 274 20.39 -10.86 -3.88
N GLU A 275 21.59 -11.24 -3.45
CA GLU A 275 22.83 -10.91 -4.16
C GLU A 275 23.13 -11.81 -5.38
N TYR A 276 22.20 -11.84 -6.35
CA TYR A 276 22.38 -12.61 -7.58
C TYR A 276 23.06 -11.75 -8.64
N SER A 277 23.64 -12.39 -9.66
CA SER A 277 24.27 -11.69 -10.79
C SER A 277 23.15 -11.10 -11.66
N VAL A 278 23.22 -9.77 -11.92
CA VAL A 278 22.22 -9.07 -12.73
C VAL A 278 22.77 -8.91 -14.17
N PRO A 279 22.07 -9.43 -15.22
CA PRO A 279 22.59 -9.27 -16.60
C PRO A 279 22.60 -7.80 -17.01
N ARG A 280 23.60 -7.40 -17.83
CA ARG A 280 23.77 -6.03 -18.31
C ARG A 280 22.48 -5.43 -18.88
N THR A 281 21.73 -6.23 -19.66
CA THR A 281 20.46 -5.85 -20.28
C THR A 281 19.35 -5.58 -19.25
N LEU A 282 19.32 -6.33 -18.12
CA LEU A 282 18.33 -6.14 -17.06
C LEU A 282 18.75 -4.99 -16.14
N GLN A 283 20.07 -4.85 -15.88
CA GLN A 283 20.64 -3.79 -15.04
C GLN A 283 20.28 -2.39 -15.58
N ALA A 284 20.34 -2.20 -16.92
CA ALA A 284 20.05 -0.95 -17.61
C ALA A 284 18.59 -0.46 -17.44
N ARG A 285 17.68 -1.37 -17.07
CA ARG A 285 16.26 -1.08 -16.84
C ARG A 285 15.97 -0.33 -15.51
N PHE A 286 16.98 -0.22 -14.61
CA PHE A 286 16.78 0.47 -13.32
C PHE A 286 17.44 1.84 -13.25
N VAL A 287 16.64 2.89 -12.98
CA VAL A 287 17.13 4.27 -12.85
C VAL A 287 17.91 4.42 -11.53
N ARG A 288 17.62 3.56 -10.54
CA ARG A 288 18.29 3.57 -9.26
C ARG A 288 18.37 2.19 -8.66
N GLN A 289 19.49 1.91 -7.99
CA GLN A 289 19.73 0.69 -7.24
C GLN A 289 20.13 1.10 -5.82
N ILE A 290 19.43 0.52 -4.82
CA ILE A 290 19.72 0.73 -3.41
C ILE A 290 20.23 -0.61 -2.87
N ASP A 291 21.43 -0.60 -2.27
CA ASP A 291 22.04 -1.78 -1.68
C ASP A 291 21.75 -1.76 -0.18
N PHE A 292 21.13 -2.85 0.32
CA PHE A 292 20.77 -2.98 1.73
C PHE A 292 21.77 -3.92 2.41
N ARG A 293 22.49 -3.37 3.40
CA ARG A 293 23.50 -4.07 4.19
C ARG A 293 22.98 -4.22 5.62
N PRO A 294 22.93 -5.44 6.21
CA PRO A 294 22.43 -5.55 7.60
C PRO A 294 23.33 -4.81 8.60
N LYS A 295 22.70 -4.07 9.51
CA LYS A 295 23.37 -3.29 10.55
C LYS A 295 22.97 -3.89 11.88
N ALA A 296 23.97 -4.29 12.70
CA ALA A 296 23.76 -4.93 14.00
C ALA A 296 22.88 -4.10 14.95
N TYR A 297 23.07 -2.77 14.98
CA TYR A 297 22.28 -1.88 15.85
C TYR A 297 20.79 -1.84 15.48
N LEU A 298 20.46 -1.94 14.17
CA LEU A 298 19.07 -1.96 13.69
C LEU A 298 18.29 -3.19 14.19
N ARG A 299 18.93 -4.38 14.15
CA ARG A 299 18.34 -5.64 14.58
C ARG A 299 18.18 -5.66 16.11
N LYS A 300 19.23 -5.19 16.83
CA LYS A 300 19.26 -5.12 18.29
C LYS A 300 18.14 -4.19 18.79
N SER A 301 18.06 -2.96 18.20
CA SER A 301 17.04 -1.96 18.56
C SER A 301 15.64 -2.52 18.34
N LEU A 302 15.46 -3.29 17.26
CA LEU A 302 14.20 -3.95 16.92
C LEU A 302 13.84 -5.02 17.95
N SER A 303 14.82 -5.85 18.38
CA SER A 303 14.64 -6.88 19.41
C SER A 303 14.22 -6.30 20.76
N CYS A 304 14.66 -5.05 21.04
CA CYS A 304 14.34 -4.32 22.27
C CYS A 304 13.01 -3.56 22.16
N SER A 305 12.47 -3.44 20.94
CA SER A 305 11.23 -2.70 20.65
C SER A 305 10.27 -3.60 19.87
N GLU A 306 9.91 -4.76 20.47
CA GLU A 306 9.09 -5.84 19.89
C GLU A 306 7.76 -5.40 19.27
N TYR A 307 7.08 -4.39 19.85
CA TYR A 307 5.80 -3.84 19.32
C TYR A 307 5.85 -3.52 17.83
N LEU A 308 7.04 -3.13 17.32
CA LEU A 308 7.22 -2.82 15.91
C LEU A 308 6.93 -4.01 15.02
N LEU A 309 7.45 -5.19 15.40
CA LEU A 309 7.23 -6.43 14.68
C LEU A 309 5.84 -7.00 14.91
N GLU A 310 5.40 -7.04 16.19
CA GLU A 310 4.11 -7.59 16.61
C GLU A 310 2.91 -6.88 15.99
N LYS A 311 3.00 -5.55 15.81
CA LYS A 311 1.90 -4.73 15.30
C LYS A 311 2.05 -4.35 13.82
N ARG A 312 3.04 -4.96 13.13
CA ARG A 312 3.31 -4.79 11.68
C ARG A 312 3.48 -3.31 11.31
N ILE A 313 4.17 -2.56 12.18
CA ILE A 313 4.37 -1.13 11.98
C ILE A 313 5.42 -0.84 10.88
N LEU A 314 6.53 -1.59 10.83
CA LEU A 314 7.59 -1.28 9.87
C LEU A 314 7.20 -1.52 8.40
N GLN A 315 6.19 -2.36 8.14
CA GLN A 315 5.69 -2.69 6.80
C GLN A 315 4.52 -1.78 6.39
N SER A 316 4.08 -0.89 7.29
CA SER A 316 2.92 -0.03 7.08
C SER A 316 3.17 1.24 6.29
N GLY A 317 2.27 1.49 5.35
CA GLY A 317 2.24 2.72 4.55
C GLY A 317 1.89 3.90 5.44
N MET A 318 1.17 3.64 6.57
CA MET A 318 0.82 4.68 7.54
C MET A 318 2.08 5.19 8.22
N THR A 319 3.06 4.29 8.47
CA THR A 319 4.34 4.66 9.08
C THR A 319 5.13 5.58 8.13
N LEU A 320 5.13 5.26 6.81
CA LEU A 320 5.84 6.11 5.86
C LEU A 320 5.18 7.47 5.65
N LEU A 321 3.84 7.52 5.75
CA LEU A 321 3.10 8.77 5.59
C LEU A 321 3.32 9.63 6.85
N LEU A 322 3.41 8.99 8.05
CA LEU A 322 3.72 9.72 9.30
C LEU A 322 5.13 10.29 9.22
N LEU A 323 6.08 9.54 8.61
CA LEU A 323 7.46 10.01 8.40
C LEU A 323 7.42 11.30 7.57
N LEU A 324 6.67 11.26 6.45
CA LEU A 324 6.49 12.39 5.54
C LEU A 324 5.83 13.58 6.24
N ILE A 325 4.76 13.34 7.03
CA ILE A 325 4.06 14.40 7.78
C ILE A 325 5.00 15.00 8.83
N TRP A 326 5.88 14.18 9.39
CA TRP A 326 6.84 14.66 10.38
C TRP A 326 7.96 15.52 9.77
N PHE A 327 8.59 15.04 8.69
CA PHE A 327 9.74 15.71 8.08
C PHE A 327 9.46 16.81 7.08
N ARG A 328 8.37 16.71 6.32
CA ARG A 328 8.08 17.60 5.19
C ARG A 328 7.02 18.66 5.45
N PRO A 329 7.22 19.91 4.95
CA PRO A 329 6.20 20.96 5.16
C PRO A 329 4.93 20.72 4.36
N VAL A 330 3.84 21.41 4.73
CA VAL A 330 2.51 21.30 4.10
C VAL A 330 2.55 21.43 2.56
N ALA A 331 3.35 22.38 2.03
CA ALA A 331 3.49 22.61 0.58
C ALA A 331 4.05 21.42 -0.23
N ASP A 332 4.73 20.45 0.44
CA ASP A 332 5.25 19.24 -0.21
C ASP A 332 4.17 18.23 -0.56
N PHE A 333 2.96 18.41 0.00
CA PHE A 333 1.81 17.53 -0.24
C PHE A 333 0.87 18.22 -1.20
N ALA A 334 0.01 17.45 -1.91
CA ALA A 334 -0.95 18.03 -2.85
C ALA A 334 -1.95 18.93 -2.12
N ALA A 335 -2.38 20.03 -2.78
CA ALA A 335 -3.33 21.02 -2.24
C ALA A 335 -4.62 20.41 -1.66
N ALA A 336 -5.17 19.36 -2.30
CA ALA A 336 -6.40 18.67 -1.89
C ALA A 336 -6.36 18.07 -0.47
N ILE A 337 -5.17 17.72 0.06
CA ILE A 337 -5.04 17.13 1.39
C ILE A 337 -4.38 18.06 2.43
N HIS A 338 -4.12 19.34 2.08
CA HIS A 338 -3.45 20.29 2.99
C HIS A 338 -4.08 20.39 4.39
N GLU A 339 -5.42 20.46 4.47
CA GLU A 339 -6.18 20.56 5.74
C GLU A 339 -5.95 19.36 6.66
N ARG A 340 -5.86 18.14 6.09
CA ARG A 340 -5.61 16.89 6.81
C ARG A 340 -4.16 16.80 7.27
N ILE A 341 -3.20 17.31 6.46
CA ILE A 341 -1.78 17.30 6.79
C ILE A 341 -1.55 18.21 7.99
N VAL A 342 -2.18 19.42 7.97
CA VAL A 342 -2.10 20.42 9.06
C VAL A 342 -2.63 19.81 10.37
N GLN A 343 -3.81 19.14 10.32
CA GLN A 343 -4.38 18.53 11.52
C GLN A 343 -3.49 17.40 12.07
N TRP A 344 -2.83 16.64 11.18
CA TRP A 344 -1.91 15.57 11.61
C TRP A 344 -0.61 16.14 12.18
N LYS A 345 -0.11 17.28 11.64
CA LYS A 345 1.08 17.95 12.17
C LYS A 345 0.86 18.42 13.61
N GLU A 346 -0.36 18.93 13.90
CA GLU A 346 -0.75 19.40 15.24
C GLU A 346 -0.81 18.22 16.21
N ARG A 347 -1.34 17.08 15.75
CA ARG A 347 -1.45 15.84 16.51
C ARG A 347 -0.06 15.31 16.88
N LEU A 348 0.87 15.23 15.90
CA LEU A 348 2.24 14.75 16.12
C LEU A 348 3.01 15.66 17.08
N ASP A 349 2.85 16.99 16.94
CA ASP A 349 3.51 18.01 17.77
C ASP A 349 3.19 17.88 19.25
N LEU A 350 1.97 17.41 19.58
CA LEU A 350 1.52 17.21 20.96
C LEU A 350 2.27 16.08 21.64
N GLU A 351 2.78 15.12 20.85
CA GLU A 351 3.40 13.90 21.36
C GLU A 351 4.87 13.70 21.15
N ILE A 352 5.44 14.35 20.14
CA ILE A 352 6.87 14.23 19.91
C ILE A 352 7.41 15.62 19.54
N SER A 353 8.69 15.87 19.83
CA SER A 353 9.36 17.11 19.44
C SER A 353 10.59 16.74 18.60
N MET A 354 11.23 17.72 17.94
CA MET A 354 12.44 17.42 17.18
C MET A 354 13.53 16.86 18.12
N TYR A 355 13.52 17.30 19.39
CA TYR A 355 14.46 16.81 20.40
C TYR A 355 14.15 15.35 20.79
N THR A 356 12.86 15.02 21.04
CA THR A 356 12.52 13.66 21.48
C THR A 356 12.63 12.68 20.30
N PHE A 357 12.43 13.17 19.07
CA PHE A 357 12.60 12.35 17.87
C PHE A 357 14.08 12.02 17.69
N SER A 358 14.95 13.02 17.88
CA SER A 358 16.40 12.87 17.78
C SER A 358 16.91 11.84 18.81
N THR A 359 16.31 11.82 20.04
CA THR A 359 16.65 10.84 21.08
C THR A 359 16.26 9.44 20.60
N MET A 360 15.09 9.30 19.94
CA MET A 360 14.64 8.00 19.42
C MET A 360 15.63 7.45 18.39
N LYS A 361 16.14 8.32 17.45
CA LYS A 361 17.13 7.93 16.45
C LYS A 361 18.46 7.56 17.11
N ALA A 362 18.85 8.30 18.18
CA ALA A 362 20.07 8.02 18.96
C ALA A 362 19.96 6.63 19.62
N ASN A 363 18.74 6.28 20.11
CA ASN A 363 18.44 4.98 20.74
C ASN A 363 18.55 3.84 19.73
N VAL A 364 18.13 4.09 18.48
CA VAL A 364 18.24 3.12 17.37
C VAL A 364 19.74 2.83 17.12
N GLY A 365 20.53 3.90 17.00
CA GLY A 365 21.97 3.85 16.77
C GLY A 365 22.75 3.10 17.82
N MET A 366 22.23 3.05 19.06
CA MET A 366 22.85 2.36 20.19
C MET A 366 22.34 0.91 20.34
N GLY A 367 21.35 0.54 19.53
CA GLY A 367 20.72 -0.78 19.55
C GLY A 367 19.91 -1.02 20.82
N ALA A 368 19.45 0.08 21.42
CA ALA A 368 18.69 0.09 22.67
C ALA A 368 17.19 0.28 22.38
N PRO A 369 16.27 0.06 23.35
CA PRO A 369 14.83 0.29 23.06
C PRO A 369 14.58 1.72 22.61
N ILE A 370 13.83 1.87 21.50
CA ILE A 370 13.56 3.17 20.89
C ILE A 370 12.79 4.09 21.84
N LEU A 371 11.85 3.53 22.63
CA LEU A 371 11.08 4.34 23.54
C LEU A 371 11.57 4.20 24.98
N ASP A 372 11.91 5.34 25.61
CA ASP A 372 12.39 5.45 26.98
C ASP A 372 11.22 5.63 27.93
ZN ZN B . -25.09 -0.02 13.08
O1 MES C . 5.04 19.38 11.61
C2 MES C . 5.44 20.70 11.95
C3 MES C . 6.11 20.77 13.29
N4 MES C . 7.26 19.84 13.35
C5 MES C . 6.82 18.49 12.99
C6 MES C . 6.15 18.49 11.64
C7 MES C . 7.93 19.82 14.68
C8 MES C . 7.96 21.12 15.48
S MES C . 8.98 21.13 16.85
O1S MES C . 8.76 19.89 17.55
O2S MES C . 10.33 21.30 16.37
O3S MES C . 8.48 22.28 17.60
H21 MES C . 6.12 21.00 11.14
H22 MES C . 4.60 21.39 11.88
H31 MES C . 6.45 21.78 13.46
H32 MES C . 5.40 20.59 14.09
H51 MES C . 7.67 17.81 13.03
H52 MES C . 6.11 18.11 13.73
H61 MES C . 6.80 18.86 10.85
H62 MES C . 5.85 17.49 11.33
H71 MES C . 7.45 19.09 15.33
H72 MES C . 8.95 19.47 14.63
H81 MES C . 6.93 21.40 15.71
H82 MES C . 8.22 21.95 14.83
C4 6JJ D . 14.55 -8.98 13.79
C5 6JJ D . 14.28 -9.89 14.81
C6 6JJ D . 14.16 -7.80 10.84
N1 6JJ D . 17.62 -4.85 9.51
C7 6JJ D . 12.83 -8.21 10.85
C8 6JJ D . 11.88 -7.46 10.17
N2 6JJ D . 19.72 -4.28 9.49
C9 6JJ D . 12.24 -6.32 9.49
C10 6JJ D . 13.57 -5.91 9.49
C11 6JJ D . 14.55 -6.63 10.16
C12 6JJ D . 15.94 -6.14 10.10
N3 6JJ D . 19.59 -5.39 10.32
C13 6JJ D . 18.54 -3.99 9.03
C14 6JJ D . 18.31 -5.71 10.32
N 6JJ D . 16.27 -5.11 9.40
S 6JJ D . 17.24 -6.90 10.99
O 6JJ D . 15.13 -8.60 11.47
C3 6JJ D . 14.84 -9.47 12.52
C2 6JJ D . 14.86 -10.84 12.27
C1 6JJ D . 14.58 -11.72 13.30
C 6JJ D . 14.29 -11.24 14.57
#